data_8WZ8
#
_entry.id   8WZ8
#
_cell.length_a   131.600
_cell.length_b   131.600
_cell.length_c   115.886
_cell.angle_alpha   90.000
_cell.angle_beta   90.000
_cell.angle_gamma   120.000
#
_symmetry.space_group_name_H-M   'P 62 2 2'
#
loop_
_entity.id
_entity.type
_entity.pdbx_description
1 polymer Adenosylhomocysteinase
2 non-polymer NICOTINAMIDE-ADENINE-DINUCLEOTIDE
3 non-polymer 'SULFATE ION'
4 water water
#
_entity_poly.entity_id   1
_entity_poly.type   'polypeptide(L)'
_entity_poly.pdbx_seq_one_letter_code
;MGHHHHHHHHQDYKVAEISLADWGRKEIAIAETEMPGLMALREEFSAKKPLQGARIAGCLHMAIATAVLIETLVALGAEV
RWSSCNIFSTQDHAASAIAAKGIPVFAWKGETEEEYWWCVEQTLSGPNGWTPNLLLDDGGDLTQVVHQKHPKLLTAIKGV
SEETTTGVARLYEMAKHGQLKIPAINVNNAVTKSKFDNLYGCRESLLDGLKRATDVMIAGKVALILGYGDVGKGCAQALR
GQGATVLVAEIDPICALQAAMEGYRVVTLDDVAEQVDIVVTATGNYHVVTHDHMKRMRNQAILCNIGHFDSEIDIQSLKQ
YQWENIKPQVDHVIFPDGKRIIILAEGRLVNLGCATGHPSFVMSASFTNQVLAQIELFQNSSQYQNQVYVLPKVLDEKVA
RLHLGRIGAKLTQLSNEQADYIGVDKNGPYKPDHYRY
;
_entity_poly.pdbx_strand_id   A
#
loop_
_chem_comp.id
_chem_comp.type
_chem_comp.name
_chem_comp.formula
NAD non-polymer NICOTINAMIDE-ADENINE-DINUCLEOTIDE 'C21 H27 N7 O14 P2'
SO4 non-polymer 'SULFATE ION' 'O4 S -2'
#
# COMPACT_ATOMS: atom_id res chain seq x y z
N GLN A 11 25.21 0.65 15.95
CA GLN A 11 24.19 1.23 15.08
C GLN A 11 23.52 0.19 14.19
N ASP A 12 22.42 -0.40 14.68
CA ASP A 12 21.75 -1.47 13.96
C ASP A 12 20.78 -0.92 12.90
N TYR A 13 21.08 0.23 12.33
CA TYR A 13 20.22 0.88 11.37
C TYR A 13 21.01 1.25 10.12
N LYS A 14 20.29 1.64 9.07
CA LYS A 14 20.92 2.15 7.85
C LYS A 14 19.93 3.10 7.19
N VAL A 15 20.04 4.37 7.53
CA VAL A 15 19.25 5.42 6.91
C VAL A 15 20.18 6.32 6.12
N ALA A 16 19.57 7.19 5.30
CA ALA A 16 20.37 8.08 4.48
C ALA A 16 21.00 9.19 5.31
N GLU A 17 20.26 9.70 6.29
CA GLU A 17 20.67 10.91 7.00
C GLU A 17 20.00 10.90 8.38
N ILE A 18 20.77 10.54 9.41
CA ILE A 18 20.23 10.49 10.77
C ILE A 18 19.86 11.86 11.32
N SER A 19 20.31 12.94 10.68
CA SER A 19 20.05 14.27 11.21
C SER A 19 18.60 14.69 11.06
N LEU A 20 17.85 14.07 10.15
CA LEU A 20 16.45 14.42 9.89
C LEU A 20 15.50 13.90 10.95
N ALA A 21 16.03 13.37 12.06
CA ALA A 21 15.19 12.75 13.08
C ALA A 21 14.22 13.73 13.72
N ASP A 22 14.69 14.96 14.02
CA ASP A 22 13.83 15.93 14.68
C ASP A 22 12.68 16.34 13.77
N TRP A 23 12.99 16.61 12.51
CA TRP A 23 11.92 16.86 11.54
C TRP A 23 10.94 15.70 11.51
N GLY A 24 11.46 14.47 11.37
CA GLY A 24 10.59 13.31 11.34
C GLY A 24 9.70 13.24 12.57
N ARG A 25 10.29 13.47 13.75
CA ARG A 25 9.53 13.40 14.98
C ARG A 25 8.41 14.43 15.01
N LYS A 26 8.67 15.63 14.47
CA LYS A 26 7.64 16.68 14.42
C LYS A 26 6.43 16.24 13.60
N GLU A 27 6.65 15.61 12.43
CA GLU A 27 5.51 15.17 11.64
C GLU A 27 4.89 13.91 12.21
N ILE A 28 5.66 13.11 12.95
CA ILE A 28 5.08 11.95 13.61
C ILE A 28 4.10 12.40 14.68
N ALA A 29 4.45 13.45 15.42
CA ALA A 29 3.54 13.96 16.45
C ALA A 29 2.23 14.42 15.83
N ILE A 30 2.31 15.22 14.77
CA ILE A 30 1.13 15.59 14.00
C ILE A 30 0.37 14.35 13.55
N ALA A 31 1.06 13.38 12.96
CA ALA A 31 0.40 12.21 12.40
C ALA A 31 -0.41 11.44 13.45
N GLU A 32 0.02 11.48 14.71
CA GLU A 32 -0.72 10.79 15.76
C GLU A 32 -2.11 11.35 15.97
N THR A 33 -2.29 12.65 15.71
CA THR A 33 -3.61 13.27 15.85
C THR A 33 -4.48 12.98 14.66
N GLU A 34 -3.92 12.39 13.63
CA GLU A 34 -4.62 11.99 12.42
C GLU A 34 -4.91 10.50 12.39
N MET A 35 -4.37 9.74 13.36
CA MET A 35 -4.40 8.28 13.33
C MET A 35 -5.05 7.76 14.60
N PRO A 36 -6.34 8.02 14.78
CA PRO A 36 -6.98 7.65 16.06
C PRO A 36 -7.00 6.15 16.29
N GLY A 37 -6.98 5.35 15.22
CA GLY A 37 -7.02 3.91 15.39
C GLY A 37 -5.83 3.40 16.16
N LEU A 38 -4.63 3.84 15.78
CA LEU A 38 -3.44 3.36 16.47
C LEU A 38 -3.33 3.96 17.87
N MET A 39 -3.65 5.23 18.02
CA MET A 39 -3.63 5.82 19.35
C MET A 39 -4.61 5.11 20.27
N ALA A 40 -5.77 4.72 19.74
CA ALA A 40 -6.73 4.01 20.56
C ALA A 40 -6.24 2.62 20.89
N LEU A 41 -5.56 1.97 19.94
CA LEU A 41 -4.96 0.66 20.19
C LEU A 41 -3.89 0.76 21.24
N ARG A 42 -3.08 1.82 21.17
CA ARG A 42 -2.15 2.10 22.25
C ARG A 42 -2.89 2.16 23.59
N GLU A 43 -3.87 3.06 23.68
CA GLU A 43 -4.60 3.24 24.92
C GLU A 43 -5.17 1.94 25.45
N GLU A 44 -5.62 1.05 24.58
CA GLU A 44 -6.25 -0.17 25.07
C GLU A 44 -5.21 -1.20 25.52
N PHE A 45 -4.18 -1.44 24.68
CA PHE A 45 -3.27 -2.57 24.87
C PHE A 45 -1.90 -2.20 25.41
N SER A 46 -1.65 -0.93 25.74
CA SER A 46 -0.31 -0.54 26.16
C SER A 46 0.09 -1.16 27.49
N ALA A 47 -0.88 -1.34 28.40
CA ALA A 47 -0.59 -1.99 29.68
C ALA A 47 -0.28 -3.47 29.49
N LYS A 48 -1.24 -4.22 28.97
CA LYS A 48 -1.10 -5.67 28.81
C LYS A 48 0.10 -6.04 27.95
N LYS A 49 0.40 -5.22 26.95
CA LYS A 49 1.42 -5.50 25.94
C LYS A 49 1.18 -6.88 25.31
N PRO A 50 0.14 -7.03 24.48
CA PRO A 50 -0.13 -8.34 23.87
C PRO A 50 0.97 -8.83 22.94
N LEU A 51 1.87 -7.96 22.50
CA LEU A 51 2.91 -8.33 21.57
C LEU A 51 4.29 -8.50 22.23
N GLN A 52 4.33 -8.57 23.56
CA GLN A 52 5.58 -8.89 24.24
C GLN A 52 6.09 -10.26 23.78
N GLY A 53 7.32 -10.31 23.29
CA GLY A 53 7.88 -11.53 22.75
C GLY A 53 7.79 -11.65 21.24
N ALA A 54 7.13 -10.70 20.58
CA ALA A 54 7.01 -10.71 19.14
C ALA A 54 8.24 -10.10 18.49
N ARG A 55 8.60 -10.65 17.34
CA ARG A 55 9.79 -10.24 16.60
C ARG A 55 9.31 -10.09 15.15
N ILE A 56 9.12 -8.86 14.70
CA ILE A 56 8.42 -8.59 13.44
C ILE A 56 9.41 -8.07 12.41
N ALA A 57 9.52 -8.79 11.29
CA ALA A 57 10.21 -8.28 10.11
C ALA A 57 9.19 -7.48 9.29
N GLY A 58 9.38 -6.17 9.23
CA GLY A 58 8.51 -5.30 8.47
C GLY A 58 9.09 -5.01 7.09
N CYS A 59 8.21 -5.02 6.08
CA CYS A 59 8.56 -4.67 4.71
C CYS A 59 7.36 -3.90 4.15
N LEU A 60 7.35 -2.60 4.40
CA LEU A 60 6.21 -1.73 4.11
C LEU A 60 6.74 -0.31 4.03
N HIS A 61 6.32 0.42 2.99
CA HIS A 61 6.74 1.79 2.73
C HIS A 61 7.10 2.53 4.01
N MET A 62 8.37 2.90 4.16
CA MET A 62 8.84 3.55 5.38
C MET A 62 8.48 5.04 5.30
N ALA A 63 7.25 5.32 5.69
CA ALA A 63 6.69 6.67 5.69
C ALA A 63 6.36 7.10 7.13
N ILE A 64 5.94 8.35 7.26
CA ILE A 64 5.62 8.90 8.58
C ILE A 64 4.48 8.11 9.22
N ALA A 65 3.40 7.87 8.46
CA ALA A 65 2.32 7.02 8.97
C ALA A 65 2.86 5.68 9.45
N THR A 66 3.81 5.12 8.72
CA THR A 66 4.37 3.84 9.11
C THR A 66 5.21 3.98 10.36
N ALA A 67 5.78 5.15 10.60
CA ALA A 67 6.50 5.32 11.86
C ALA A 67 5.55 5.22 13.04
N VAL A 68 4.30 5.64 12.86
CA VAL A 68 3.34 5.54 13.94
C VAL A 68 2.94 4.09 14.16
N LEU A 69 2.72 3.35 13.07
CA LEU A 69 2.39 1.93 13.19
C LEU A 69 3.50 1.20 13.93
N ILE A 70 4.76 1.50 13.57
CA ILE A 70 5.92 0.86 14.20
C ILE A 70 5.98 1.18 15.68
N GLU A 71 5.88 2.46 16.03
CA GLU A 71 5.89 2.85 17.44
C GLU A 71 4.68 2.31 18.19
N THR A 72 3.61 1.95 17.48
CA THR A 72 2.45 1.36 18.14
C THR A 72 2.68 -0.12 18.45
N LEU A 73 3.22 -0.85 17.48
CA LEU A 73 3.66 -2.23 17.75
C LEU A 73 4.68 -2.26 18.86
N VAL A 74 5.55 -1.27 18.94
CA VAL A 74 6.54 -1.24 20.03
C VAL A 74 5.85 -0.99 21.36
N ALA A 75 4.99 0.04 21.41
CA ALA A 75 4.26 0.33 22.63
C ALA A 75 3.43 -0.84 23.11
N LEU A 76 3.18 -1.85 22.26
CA LEU A 76 2.47 -3.06 22.63
C LEU A 76 3.44 -4.22 22.94
N GLY A 77 4.74 -3.93 23.03
CA GLY A 77 5.73 -4.87 23.51
C GLY A 77 6.61 -5.51 22.46
N ALA A 78 6.40 -5.22 21.17
CA ALA A 78 7.05 -6.01 20.12
C ALA A 78 8.47 -5.52 19.83
N GLU A 79 9.26 -6.43 19.27
CA GLU A 79 10.57 -6.13 18.69
C GLU A 79 10.39 -6.15 17.18
N VAL A 80 10.99 -5.18 16.48
CA VAL A 80 10.83 -5.08 15.02
C VAL A 80 12.14 -4.71 14.36
N ARG A 81 12.25 -5.10 13.08
CA ARG A 81 13.21 -4.54 12.13
C ARG A 81 12.44 -4.19 10.87
N TRP A 82 12.67 -3.00 10.33
CA TRP A 82 11.85 -2.53 9.22
C TRP A 82 12.67 -2.37 7.95
N SER A 83 11.94 -2.21 6.84
CA SER A 83 12.48 -1.94 5.51
C SER A 83 11.33 -1.53 4.61
N SER A 84 11.58 -0.58 3.72
CA SER A 84 10.57 -0.23 2.74
C SER A 84 10.36 -1.39 1.76
N CYS A 85 9.19 -1.40 1.11
CA CYS A 85 8.91 -2.34 0.04
C CYS A 85 8.98 -1.70 -1.35
N ASN A 86 9.49 -0.49 -1.44
CA ASN A 86 9.68 0.20 -2.70
C ASN A 86 10.94 1.05 -2.61
N ILE A 87 11.70 1.09 -3.70
CA ILE A 87 12.96 1.80 -3.69
C ILE A 87 12.79 3.31 -3.63
N PHE A 88 11.59 3.83 -3.88
CA PHE A 88 11.37 5.26 -3.82
C PHE A 88 10.40 5.69 -2.74
N SER A 89 9.88 4.76 -1.94
CA SER A 89 8.75 5.04 -1.05
C SER A 89 9.16 5.51 0.34
N THR A 90 10.37 5.17 0.80
CA THR A 90 10.80 5.64 2.11
C THR A 90 10.73 7.16 2.17
N GLN A 91 10.13 7.68 3.23
CA GLN A 91 10.37 9.05 3.68
C GLN A 91 11.57 9.04 4.61
N ASP A 92 12.59 9.82 4.30
CA ASP A 92 13.86 9.65 4.99
C ASP A 92 13.78 10.16 6.42
N HIS A 93 13.15 11.32 6.64
CA HIS A 93 13.05 11.83 8.00
C HIS A 93 12.23 10.92 8.88
N ALA A 94 11.23 10.24 8.30
CA ALA A 94 10.50 9.24 9.06
C ALA A 94 11.42 8.10 9.45
N ALA A 95 12.12 7.53 8.47
CA ALA A 95 13.13 6.52 8.75
C ALA A 95 14.16 7.01 9.77
N SER A 96 14.54 8.28 9.68
CA SER A 96 15.54 8.79 10.60
C SER A 96 15.01 8.85 12.03
N ALA A 97 13.76 9.28 12.21
CA ALA A 97 13.19 9.37 13.54
C ALA A 97 13.00 8.00 14.17
N ILE A 98 12.73 6.98 13.35
CA ILE A 98 12.61 5.61 13.85
C ILE A 98 13.97 5.11 14.34
N ALA A 99 15.02 5.33 13.54
CA ALA A 99 16.35 4.84 13.90
C ALA A 99 16.86 5.55 15.16
N ALA A 100 16.60 6.85 15.27
CA ALA A 100 16.99 7.59 16.47
C ALA A 100 16.36 7.01 17.72
N LYS A 101 15.19 6.39 17.59
CA LYS A 101 14.56 5.75 18.74
C LYS A 101 15.11 4.36 19.01
N GLY A 102 16.26 4.01 18.44
CA GLY A 102 16.85 2.70 18.67
C GLY A 102 16.16 1.55 17.97
N ILE A 103 15.46 1.82 16.87
CA ILE A 103 14.74 0.78 16.14
C ILE A 103 15.52 0.48 14.86
N PRO A 104 15.82 -0.79 14.58
CA PRO A 104 16.59 -1.10 13.36
C PRO A 104 15.72 -0.91 12.13
N VAL A 105 16.20 -0.07 11.21
CA VAL A 105 15.49 0.25 9.97
C VAL A 105 16.50 0.43 8.84
N PHE A 106 16.17 -0.12 7.68
CA PHE A 106 17.01 -0.12 6.48
C PHE A 106 16.15 0.35 5.31
N ALA A 107 16.24 1.65 5.02
CA ALA A 107 15.34 2.31 4.09
C ALA A 107 15.87 3.69 3.79
N TRP A 108 15.70 4.12 2.54
CA TRP A 108 16.00 5.47 2.11
C TRP A 108 15.44 5.65 0.72
N LYS A 109 15.00 6.88 0.42
CA LYS A 109 14.46 7.17 -0.91
C LYS A 109 15.57 7.12 -1.97
N GLY A 110 15.44 6.20 -2.92
CA GLY A 110 16.42 6.05 -3.97
C GLY A 110 17.29 4.79 -3.92
N GLU A 111 16.83 3.72 -3.27
CA GLU A 111 17.58 2.47 -3.24
C GLU A 111 17.80 1.95 -4.66
N THR A 112 18.94 1.30 -4.86
CA THR A 112 19.07 0.44 -6.02
C THR A 112 18.43 -0.91 -5.72
N GLU A 113 18.20 -1.70 -6.78
CA GLU A 113 17.59 -3.01 -6.59
C GLU A 113 18.41 -3.89 -5.67
N GLU A 114 19.74 -3.77 -5.73
CA GLU A 114 20.60 -4.56 -4.84
C GLU A 114 20.48 -4.09 -3.40
N GLU A 115 20.45 -2.77 -3.19
CA GLU A 115 20.28 -2.25 -1.85
C GLU A 115 18.92 -2.65 -1.30
N TYR A 116 17.89 -2.66 -2.15
CA TYR A 116 16.54 -3.00 -1.73
C TYR A 116 16.48 -4.40 -1.11
N TRP A 117 17.05 -5.39 -1.81
CA TRP A 117 16.98 -6.78 -1.35
C TRP A 117 17.89 -7.00 -0.15
N TRP A 118 18.96 -6.21 -0.06
CA TRP A 118 19.81 -6.25 1.13
C TRP A 118 19.07 -5.66 2.33
N CYS A 119 18.33 -4.57 2.12
CA CYS A 119 17.50 -4.01 3.19
C CYS A 119 16.49 -5.05 3.68
N VAL A 120 15.87 -5.78 2.75
CA VAL A 120 14.93 -6.84 3.12
C VAL A 120 15.65 -7.91 3.94
N GLU A 121 16.84 -8.32 3.48
CA GLU A 121 17.65 -9.30 4.21
C GLU A 121 17.99 -8.83 5.63
N GLN A 122 18.20 -7.53 5.81
CA GLN A 122 18.55 -7.02 7.14
C GLN A 122 17.46 -7.30 8.16
N THR A 123 16.20 -7.27 7.74
CA THR A 123 15.10 -7.43 8.70
C THR A 123 15.01 -8.84 9.26
N LEU A 124 15.73 -9.82 8.67
CA LEU A 124 15.57 -11.22 9.05
C LEU A 124 16.54 -11.67 10.14
N SER A 125 17.48 -10.83 10.57
CA SER A 125 18.41 -11.20 11.63
C SER A 125 18.87 -9.97 12.38
N GLY A 126 18.96 -10.08 13.70
CA GLY A 126 19.41 -9.01 14.55
C GLY A 126 20.43 -9.46 15.56
N PRO A 127 20.99 -8.52 16.33
CA PRO A 127 22.09 -8.85 17.25
C PRO A 127 21.65 -9.89 18.27
N ASN A 128 22.58 -10.78 18.61
CA ASN A 128 22.34 -11.89 19.54
C ASN A 128 21.24 -12.82 19.00
N GLY A 129 21.46 -13.32 17.80
CA GLY A 129 20.61 -14.34 17.21
C GLY A 129 19.14 -13.97 17.09
N TRP A 130 18.83 -12.70 16.89
CA TRP A 130 17.44 -12.25 16.78
C TRP A 130 16.81 -12.82 15.52
N THR A 131 15.77 -13.63 15.70
CA THR A 131 15.03 -14.21 14.61
C THR A 131 13.62 -13.61 14.60
N PRO A 132 12.95 -13.53 13.44
CA PRO A 132 11.53 -13.17 13.46
C PRO A 132 10.64 -14.37 13.68
N ASN A 133 9.59 -14.16 14.47
CA ASN A 133 8.45 -15.06 14.53
C ASN A 133 7.23 -14.47 13.82
N LEU A 134 7.35 -13.24 13.30
CA LEU A 134 6.27 -12.51 12.63
C LEU A 134 6.79 -11.88 11.36
N LEU A 135 5.98 -11.86 10.32
CA LEU A 135 6.27 -11.14 9.09
C LEU A 135 5.15 -10.13 8.81
N LEU A 136 5.51 -8.90 8.51
CA LEU A 136 4.53 -7.87 8.16
C LEU A 136 4.91 -7.35 6.78
N ASP A 137 4.18 -7.80 5.76
CA ASP A 137 4.66 -7.69 4.38
C ASP A 137 3.65 -6.97 3.51
N ASP A 138 4.14 -6.03 2.71
CA ASP A 138 3.32 -5.26 1.78
C ASP A 138 3.80 -5.57 0.36
N GLY A 139 3.21 -6.60 -0.26
CA GLY A 139 3.45 -6.92 -1.65
C GLY A 139 4.07 -8.28 -1.90
N GLY A 140 4.49 -9.04 -0.88
CA GLY A 140 4.92 -10.40 -1.05
C GLY A 140 6.43 -10.61 -1.14
N ASP A 141 7.22 -9.54 -1.23
CA ASP A 141 8.67 -9.67 -1.41
C ASP A 141 9.32 -10.28 -0.17
N LEU A 142 8.94 -9.82 1.02
CA LEU A 142 9.49 -10.40 2.24
C LEU A 142 9.03 -11.85 2.41
N THR A 143 7.77 -12.13 2.04
CA THR A 143 7.23 -13.49 2.10
C THR A 143 7.98 -14.44 1.15
N GLN A 144 8.30 -13.97 -0.05
CA GLN A 144 8.99 -14.82 -1.02
C GLN A 144 10.45 -15.05 -0.61
N VAL A 145 11.11 -14.03 -0.07
CA VAL A 145 12.50 -14.18 0.36
C VAL A 145 12.62 -15.26 1.41
N VAL A 146 11.74 -15.21 2.42
CA VAL A 146 11.79 -16.17 3.51
C VAL A 146 11.40 -17.57 3.02
N HIS A 147 10.38 -17.66 2.16
CA HIS A 147 9.91 -18.97 1.66
C HIS A 147 10.95 -19.62 0.76
N GLN A 148 11.64 -18.85 -0.08
CA GLN A 148 12.55 -19.40 -1.07
C GLN A 148 14.02 -19.35 -0.65
N LYS A 149 14.41 -18.43 0.22
CA LYS A 149 15.82 -18.34 0.60
C LYS A 149 16.12 -18.57 2.08
N HIS A 150 15.11 -18.61 2.96
CA HIS A 150 15.33 -18.98 4.37
C HIS A 150 14.21 -19.88 4.85
N PRO A 151 14.07 -21.07 4.27
CA PRO A 151 13.09 -22.03 4.82
C PRO A 151 13.44 -22.47 6.25
N LYS A 152 14.68 -22.29 6.68
CA LYS A 152 15.04 -22.46 8.09
C LYS A 152 14.43 -21.36 8.97
N LEU A 153 14.04 -20.23 8.39
CA LEU A 153 13.35 -19.18 9.12
C LEU A 153 11.86 -19.47 9.27
N LEU A 154 11.24 -20.05 8.24
CA LEU A 154 9.82 -20.33 8.25
C LEU A 154 9.40 -21.20 9.42
N THR A 155 10.35 -21.91 10.03
CA THR A 155 9.97 -22.82 11.11
C THR A 155 9.50 -22.06 12.35
N ALA A 156 10.11 -20.91 12.65
CA ALA A 156 9.76 -20.13 13.84
C ALA A 156 8.75 -19.02 13.54
N ILE A 157 8.22 -18.95 12.32
CA ILE A 157 7.31 -17.86 11.92
C ILE A 157 5.87 -18.27 12.19
N LYS A 158 5.20 -17.51 13.06
CA LYS A 158 3.80 -17.76 13.34
C LYS A 158 2.91 -17.37 12.15
N GLY A 159 3.17 -16.22 11.53
CA GLY A 159 2.39 -15.85 10.36
C GLY A 159 2.89 -14.58 9.69
N VAL A 160 2.31 -14.32 8.51
CA VAL A 160 2.51 -13.09 7.76
C VAL A 160 1.15 -12.40 7.60
N SER A 161 1.16 -11.07 7.72
CA SER A 161 -0.01 -10.25 7.41
C SER A 161 0.34 -9.41 6.18
N GLU A 162 -0.42 -9.59 5.12
CA GLU A 162 -0.12 -8.99 3.83
C GLU A 162 -1.01 -7.78 3.63
N GLU A 163 -0.42 -6.68 3.17
CA GLU A 163 -1.09 -5.40 3.11
C GLU A 163 -1.86 -5.17 1.81
N THR A 164 -1.43 -5.73 0.67
CA THR A 164 -1.95 -5.24 -0.60
C THR A 164 -2.39 -6.34 -1.56
N THR A 165 -3.25 -5.92 -2.50
CA THR A 165 -3.92 -6.85 -3.40
C THR A 165 -2.93 -7.74 -4.10
N THR A 166 -1.84 -7.15 -4.56
CA THR A 166 -0.88 -7.90 -5.34
C THR A 166 -0.18 -8.94 -4.48
N GLY A 167 0.18 -8.58 -3.24
CA GLY A 167 0.76 -9.53 -2.32
C GLY A 167 -0.18 -10.64 -1.93
N VAL A 168 -1.49 -10.36 -1.95
CA VAL A 168 -2.49 -11.38 -1.66
C VAL A 168 -2.62 -12.36 -2.82
N ALA A 169 -2.63 -11.84 -4.06
CA ALA A 169 -2.64 -12.73 -5.22
C ALA A 169 -1.45 -13.68 -5.21
N ARG A 170 -0.29 -13.19 -4.75
CA ARG A 170 0.91 -14.02 -4.68
C ARG A 170 0.83 -15.06 -3.56
N LEU A 171 0.17 -14.73 -2.45
CA LEU A 171 -0.14 -15.73 -1.45
C LEU A 171 -0.99 -16.85 -2.02
N TYR A 172 -1.93 -16.50 -2.92
CA TYR A 172 -2.88 -17.48 -3.45
C TYR A 172 -2.22 -18.47 -4.39
N GLU A 173 -1.38 -17.98 -5.30
CA GLU A 173 -0.68 -18.92 -6.18
C GLU A 173 0.23 -19.84 -5.38
N MET A 174 0.82 -19.33 -4.29
CA MET A 174 1.57 -20.19 -3.37
C MET A 174 0.68 -21.28 -2.78
N ALA A 175 -0.46 -20.89 -2.18
CA ALA A 175 -1.36 -21.89 -1.61
C ALA A 175 -1.82 -22.89 -2.65
N LYS A 176 -2.06 -22.42 -3.89
CA LYS A 176 -2.58 -23.27 -4.96
C LYS A 176 -1.58 -24.35 -5.37
N HIS A 177 -0.27 -24.09 -5.25
CA HIS A 177 0.75 -25.08 -5.57
C HIS A 177 1.44 -25.60 -4.30
N GLY A 178 0.72 -25.58 -3.18
CA GLY A 178 1.25 -26.09 -1.93
C GLY A 178 2.56 -25.47 -1.50
N GLN A 179 2.82 -24.22 -1.91
CA GLN A 179 4.06 -23.53 -1.55
C GLN A 179 3.91 -22.66 -0.30
N LEU A 180 2.70 -22.31 0.11
CA LEU A 180 2.51 -21.49 1.30
C LEU A 180 2.66 -22.38 2.53
N LYS A 181 3.62 -22.04 3.41
CA LYS A 181 4.04 -22.90 4.51
C LYS A 181 3.85 -22.25 5.88
N ILE A 182 3.19 -21.09 5.94
CA ILE A 182 2.85 -20.41 7.18
C ILE A 182 1.42 -19.90 7.08
N PRO A 183 0.80 -19.58 8.23
CA PRO A 183 -0.52 -18.91 8.20
C PRO A 183 -0.42 -17.47 7.70
N ALA A 184 -1.46 -17.02 7.00
CA ALA A 184 -1.43 -15.71 6.33
C ALA A 184 -2.75 -14.98 6.49
N ILE A 185 -2.68 -13.74 6.97
CA ILE A 185 -3.84 -12.88 7.20
C ILE A 185 -3.92 -11.84 6.09
N ASN A 186 -4.99 -11.91 5.29
CA ASN A 186 -5.25 -10.93 4.24
C ASN A 186 -5.77 -9.63 4.83
N VAL A 187 -4.85 -8.73 5.20
CA VAL A 187 -5.29 -7.43 5.69
C VAL A 187 -5.91 -6.62 4.56
N ASN A 188 -5.41 -6.75 3.32
CA ASN A 188 -5.97 -5.95 2.22
C ASN A 188 -7.48 -6.04 2.15
N ASN A 189 -8.05 -7.21 2.48
CA ASN A 189 -9.48 -7.42 2.25
C ASN A 189 -10.33 -7.19 3.50
N ALA A 190 -9.75 -6.64 4.55
CA ALA A 190 -10.57 -5.95 5.54
C ALA A 190 -11.27 -4.79 4.86
N VAL A 191 -12.60 -4.74 4.99
CA VAL A 191 -13.38 -3.66 4.39
C VAL A 191 -12.79 -2.31 4.72
N THR A 192 -12.21 -2.16 5.92
CA THR A 192 -11.66 -0.88 6.32
C THR A 192 -10.24 -0.68 5.84
N LYS A 193 -9.70 -1.62 5.07
CA LYS A 193 -8.50 -1.40 4.28
C LYS A 193 -8.88 -1.20 2.82
N SER A 194 -9.37 -2.27 2.17
CA SER A 194 -9.59 -2.27 0.73
C SER A 194 -10.49 -1.13 0.31
N LYS A 195 -11.62 -0.98 0.99
CA LYS A 195 -12.63 -0.04 0.53
C LYS A 195 -12.37 1.35 1.04
N PHE A 196 -11.16 1.59 1.56
CA PHE A 196 -10.80 2.85 2.19
C PHE A 196 -9.41 3.28 1.76
N ASP A 197 -8.42 2.48 2.14
CA ASP A 197 -7.04 2.73 1.71
C ASP A 197 -6.96 2.78 0.18
N ASN A 198 -7.24 1.66 -0.48
CA ASN A 198 -7.04 1.60 -1.93
C ASN A 198 -7.86 2.69 -2.63
N LEU A 199 -9.06 2.99 -2.13
CA LEU A 199 -9.99 3.86 -2.85
C LEU A 199 -9.81 5.35 -2.49
N TYR A 200 -10.10 5.71 -1.23
CA TYR A 200 -10.00 7.10 -0.78
C TYR A 200 -8.56 7.59 -0.69
N GLY A 201 -7.61 6.71 -0.38
CA GLY A 201 -6.22 7.15 -0.35
C GLY A 201 -5.68 7.48 -1.73
N CYS A 202 -5.96 6.61 -2.71
CA CYS A 202 -5.48 6.88 -4.07
C CYS A 202 -6.25 8.03 -4.69
N ARG A 203 -7.51 8.21 -4.28
CA ARG A 203 -8.24 9.41 -4.68
C ARG A 203 -7.47 10.68 -4.35
N GLU A 204 -6.63 10.64 -3.30
CA GLU A 204 -5.90 11.83 -2.91
C GLU A 204 -4.43 11.82 -3.35
N SER A 205 -3.75 10.68 -3.33
CA SER A 205 -2.30 10.71 -3.55
C SER A 205 -1.90 10.54 -5.01
N LEU A 206 -2.79 10.05 -5.89
CA LEU A 206 -2.45 10.09 -7.32
C LEU A 206 -2.33 11.54 -7.79
N LEU A 207 -3.32 12.38 -7.45
CA LEU A 207 -3.24 13.79 -7.78
C LEU A 207 -1.93 14.38 -7.27
N ASP A 208 -1.66 14.14 -5.98
CA ASP A 208 -0.41 14.54 -5.33
C ASP A 208 0.82 14.15 -6.16
N GLY A 209 0.96 12.85 -6.47
CA GLY A 209 2.11 12.40 -7.25
C GLY A 209 2.25 13.11 -8.59
N LEU A 210 1.17 13.17 -9.37
CA LEU A 210 1.21 13.83 -10.67
C LEU A 210 1.63 15.28 -10.50
N LYS A 211 1.05 15.95 -9.50
CA LYS A 211 1.29 17.38 -9.30
C LYS A 211 2.73 17.66 -8.93
N ARG A 212 3.25 16.96 -7.92
CA ARG A 212 4.62 17.22 -7.50
C ARG A 212 5.61 16.93 -8.61
N ALA A 213 5.28 15.97 -9.47
CA ALA A 213 6.24 15.50 -10.46
C ALA A 213 6.26 16.38 -11.68
N THR A 214 5.09 16.86 -12.13
CA THR A 214 4.98 17.56 -13.40
C THR A 214 4.24 18.89 -13.32
N ASP A 215 3.43 19.12 -12.29
CA ASP A 215 2.61 20.33 -12.21
C ASP A 215 1.67 20.48 -13.41
N VAL A 216 1.25 19.37 -14.00
CA VAL A 216 0.41 19.44 -15.18
C VAL A 216 -1.02 19.79 -14.77
N MET A 217 -1.67 20.64 -15.56
CA MET A 217 -3.10 20.90 -15.37
C MET A 217 -3.88 19.63 -15.68
N ILE A 218 -4.82 19.29 -14.81
CA ILE A 218 -5.67 18.13 -15.00
C ILE A 218 -6.91 18.48 -15.79
N ALA A 219 -7.49 19.65 -15.52
CA ALA A 219 -8.71 20.07 -16.19
C ALA A 219 -8.51 20.08 -17.71
N GLY A 220 -9.47 19.49 -18.42
CA GLY A 220 -9.39 19.41 -19.86
C GLY A 220 -8.53 18.29 -20.42
N LYS A 221 -7.74 17.62 -19.60
CA LYS A 221 -6.89 16.55 -20.12
C LYS A 221 -7.68 15.26 -20.25
N VAL A 222 -7.30 14.45 -21.24
CA VAL A 222 -7.82 13.09 -21.37
C VAL A 222 -6.88 12.17 -20.62
N ALA A 223 -7.42 11.48 -19.64
CA ALA A 223 -6.67 10.63 -18.74
C ALA A 223 -7.22 9.22 -18.89
N LEU A 224 -6.34 8.24 -18.97
CA LEU A 224 -6.77 6.86 -19.08
C LEU A 224 -6.33 6.10 -17.84
N ILE A 225 -7.29 5.55 -17.13
CA ILE A 225 -7.05 4.61 -16.03
C ILE A 225 -7.16 3.20 -16.57
N LEU A 226 -6.06 2.44 -16.56
CA LEU A 226 -6.10 1.00 -16.85
C LEU A 226 -6.39 0.28 -15.54
N GLY A 227 -7.58 -0.32 -15.45
CA GLY A 227 -7.99 -0.96 -14.22
C GLY A 227 -9.00 -0.13 -13.44
N TYR A 228 -10.11 -0.75 -13.06
CA TYR A 228 -11.18 -0.13 -12.27
C TYR A 228 -11.50 -0.98 -11.06
N GLY A 229 -10.47 -1.44 -10.35
CA GLY A 229 -10.65 -1.95 -9.00
C GLY A 229 -10.69 -0.79 -8.01
N ASP A 230 -10.32 -1.07 -6.76
CA ASP A 230 -10.45 -0.01 -5.76
C ASP A 230 -9.45 1.11 -6.00
N VAL A 231 -8.27 0.78 -6.53
CA VAL A 231 -7.30 1.82 -6.85
C VAL A 231 -7.76 2.64 -8.04
N GLY A 232 -8.14 1.96 -9.13
CA GLY A 232 -8.67 2.63 -10.29
C GLY A 232 -9.90 3.48 -9.99
N LYS A 233 -10.81 2.96 -9.16
CA LYS A 233 -12.02 3.70 -8.81
C LYS A 233 -11.67 5.02 -8.15
N GLY A 234 -10.69 5.00 -7.24
CA GLY A 234 -10.30 6.24 -6.58
C GLY A 234 -9.55 7.16 -7.50
N CYS A 235 -8.69 6.59 -8.36
CA CYS A 235 -7.94 7.42 -9.30
C CYS A 235 -8.88 8.19 -10.22
N ALA A 236 -9.91 7.51 -10.71
CA ALA A 236 -10.83 8.13 -11.65
C ALA A 236 -11.63 9.25 -10.98
N GLN A 237 -12.12 9.00 -9.76
CA GLN A 237 -12.74 10.07 -8.99
C GLN A 237 -11.81 11.26 -8.88
N ALA A 238 -10.56 11.02 -8.47
CA ALA A 238 -9.58 12.10 -8.37
C ALA A 238 -9.55 12.96 -9.64
N LEU A 239 -9.32 12.31 -10.78
CA LEU A 239 -9.12 13.09 -12.01
C LEU A 239 -10.41 13.77 -12.44
N ARG A 240 -11.53 13.06 -12.39
CA ARG A 240 -12.76 13.68 -12.84
C ARG A 240 -13.12 14.88 -11.99
N GLY A 241 -12.73 14.89 -10.72
CA GLY A 241 -13.06 16.01 -9.86
C GLY A 241 -12.28 17.25 -10.16
N GLN A 242 -11.10 17.11 -10.78
CA GLN A 242 -10.33 18.25 -11.23
C GLN A 242 -10.63 18.63 -12.67
N GLY A 243 -11.66 18.03 -13.29
CA GLY A 243 -12.08 18.42 -14.63
C GLY A 243 -11.41 17.69 -15.79
N ALA A 244 -10.73 16.58 -15.55
CA ALA A 244 -10.26 15.74 -16.64
C ALA A 244 -11.41 14.96 -17.27
N THR A 245 -11.30 14.68 -18.56
CA THR A 245 -12.08 13.60 -19.17
C THR A 245 -11.40 12.28 -18.82
N VAL A 246 -12.09 11.40 -18.11
CA VAL A 246 -11.48 10.16 -17.65
C VAL A 246 -11.96 9.03 -18.55
N LEU A 247 -11.01 8.21 -19.02
CA LEU A 247 -11.28 6.98 -19.72
C LEU A 247 -10.83 5.83 -18.85
N VAL A 248 -11.44 4.67 -19.06
CA VAL A 248 -11.20 3.50 -18.23
C VAL A 248 -11.00 2.31 -19.15
N ALA A 249 -10.00 1.48 -18.84
CA ALA A 249 -9.84 0.17 -19.47
C ALA A 249 -10.09 -0.93 -18.45
N GLU A 250 -10.68 -2.03 -18.92
CA GLU A 250 -11.00 -3.14 -18.04
C GLU A 250 -11.03 -4.43 -18.81
N ILE A 251 -10.64 -5.50 -18.12
CA ILE A 251 -10.87 -6.86 -18.60
C ILE A 251 -12.03 -7.52 -17.89
N ASP A 252 -12.41 -7.03 -16.72
CA ASP A 252 -13.50 -7.58 -15.92
C ASP A 252 -14.80 -6.89 -16.32
N PRO A 253 -15.77 -7.61 -16.90
CA PRO A 253 -17.01 -6.96 -17.34
C PRO A 253 -17.79 -6.30 -16.21
N ILE A 254 -17.71 -6.81 -14.98
CA ILE A 254 -18.45 -6.19 -13.88
C ILE A 254 -17.86 -4.82 -13.55
N CYS A 255 -16.53 -4.74 -13.39
CA CYS A 255 -15.92 -3.44 -13.12
C CYS A 255 -16.08 -2.51 -14.30
N ALA A 256 -16.05 -3.05 -15.52
CA ALA A 256 -16.30 -2.25 -16.71
C ALA A 256 -17.67 -1.58 -16.66
N LEU A 257 -18.70 -2.34 -16.27
CA LEU A 257 -20.05 -1.81 -16.17
C LEU A 257 -20.16 -0.74 -15.09
N GLN A 258 -19.51 -0.94 -13.93
CA GLN A 258 -19.51 0.10 -12.89
C GLN A 258 -18.96 1.41 -13.45
N ALA A 259 -17.82 1.33 -14.13
CA ALA A 259 -17.18 2.52 -14.70
C ALA A 259 -18.11 3.20 -15.70
N ALA A 260 -18.68 2.40 -16.61
CA ALA A 260 -19.63 2.95 -17.58
C ALA A 260 -20.80 3.64 -16.88
N MET A 261 -21.27 3.06 -15.78
CA MET A 261 -22.43 3.65 -15.14
C MET A 261 -22.09 4.80 -14.23
N GLU A 262 -20.81 5.07 -14.01
CA GLU A 262 -20.40 6.32 -13.40
C GLU A 262 -20.07 7.36 -14.45
N GLY A 263 -20.35 7.08 -15.73
CA GLY A 263 -20.14 8.04 -16.79
C GLY A 263 -18.79 8.02 -17.47
N TYR A 264 -17.90 7.11 -17.11
CA TYR A 264 -16.65 7.01 -17.85
C TYR A 264 -16.85 6.19 -19.12
N ARG A 265 -16.14 6.58 -20.17
CA ARG A 265 -16.07 5.74 -21.37
C ARG A 265 -15.07 4.62 -21.13
N VAL A 266 -15.48 3.39 -21.40
CA VAL A 266 -14.61 2.24 -21.23
C VAL A 266 -14.01 1.90 -22.58
N VAL A 267 -12.70 1.99 -22.68
CA VAL A 267 -11.99 1.91 -23.95
C VAL A 267 -10.76 1.02 -23.78
N THR A 268 -10.12 0.69 -24.89
CA THR A 268 -8.85 -0.01 -24.81
C THR A 268 -7.71 0.92 -25.14
N LEU A 269 -6.57 0.68 -24.49
CA LEU A 269 -5.36 1.41 -24.83
C LEU A 269 -4.98 1.19 -26.31
N ASP A 270 -5.15 -0.05 -26.81
CA ASP A 270 -4.92 -0.30 -28.24
C ASP A 270 -5.62 0.75 -29.10
N ASP A 271 -6.86 1.10 -28.75
CA ASP A 271 -7.62 2.05 -29.55
C ASP A 271 -7.22 3.51 -29.27
N VAL A 272 -6.88 3.88 -28.03
CA VAL A 272 -6.87 5.30 -27.68
C VAL A 272 -5.47 5.84 -27.39
N ALA A 273 -4.42 5.05 -27.64
CA ALA A 273 -3.07 5.46 -27.24
C ALA A 273 -2.69 6.85 -27.80
N GLU A 274 -3.19 7.22 -28.97
CA GLU A 274 -2.86 8.54 -29.50
C GLU A 274 -3.63 9.68 -28.86
N GLN A 275 -4.68 9.40 -28.09
CA GLN A 275 -5.60 10.43 -27.63
C GLN A 275 -5.38 10.85 -26.19
N VAL A 276 -4.56 10.15 -25.45
CA VAL A 276 -4.51 10.37 -24.01
C VAL A 276 -3.36 11.31 -23.65
N ASP A 277 -3.63 12.22 -22.72
CA ASP A 277 -2.59 13.08 -22.16
C ASP A 277 -1.90 12.47 -20.97
N ILE A 278 -2.61 11.65 -20.21
CA ILE A 278 -2.09 11.04 -19.00
C ILE A 278 -2.54 9.59 -18.99
N VAL A 279 -1.64 8.69 -18.58
CA VAL A 279 -1.99 7.29 -18.41
C VAL A 279 -1.59 6.84 -17.01
N VAL A 280 -2.52 6.20 -16.31
CA VAL A 280 -2.29 5.63 -14.98
C VAL A 280 -2.57 4.14 -15.03
N THR A 281 -1.58 3.33 -14.75
CA THR A 281 -1.79 1.88 -14.72
C THR A 281 -2.11 1.43 -13.31
N ALA A 282 -3.21 0.69 -13.19
CA ALA A 282 -3.72 0.32 -11.90
C ALA A 282 -4.24 -1.12 -11.94
N THR A 283 -3.61 -1.96 -12.76
CA THR A 283 -4.12 -3.29 -13.09
C THR A 283 -3.55 -4.38 -12.22
N GLY A 284 -2.43 -4.13 -11.57
CA GLY A 284 -1.69 -5.19 -10.91
C GLY A 284 -1.19 -6.26 -11.86
N ASN A 285 -1.06 -5.94 -13.15
CA ASN A 285 -0.80 -6.92 -14.21
C ASN A 285 0.50 -6.59 -14.94
N TYR A 286 0.78 -7.35 -15.99
CA TYR A 286 2.06 -7.35 -16.67
C TYR A 286 1.92 -6.77 -18.06
N HIS A 287 2.73 -5.72 -18.35
CA HIS A 287 2.90 -5.17 -19.70
C HIS A 287 1.57 -4.70 -20.28
N VAL A 288 0.77 -4.03 -19.46
CA VAL A 288 -0.46 -3.45 -19.99
C VAL A 288 -0.20 -2.18 -20.79
N VAL A 289 0.95 -1.56 -20.66
CA VAL A 289 1.40 -0.49 -21.54
C VAL A 289 2.62 -1.00 -22.30
N THR A 290 2.49 -1.13 -23.62
CA THR A 290 3.54 -1.70 -24.45
C THR A 290 4.34 -0.64 -25.20
N HIS A 291 5.38 -1.13 -25.87
CA HIS A 291 6.21 -0.27 -26.70
C HIS A 291 5.40 0.42 -27.79
N ASP A 292 4.51 -0.32 -28.45
CA ASP A 292 3.74 0.29 -29.52
C ASP A 292 2.81 1.37 -28.97
N HIS A 293 2.26 1.15 -27.77
CA HIS A 293 1.43 2.17 -27.13
C HIS A 293 2.23 3.45 -26.92
N MET A 294 3.40 3.32 -26.29
CA MET A 294 4.17 4.50 -25.97
C MET A 294 4.67 5.19 -27.23
N LYS A 295 5.04 4.43 -28.27
CA LYS A 295 5.40 5.04 -29.53
C LYS A 295 4.23 5.81 -30.14
N ARG A 296 3.01 5.33 -29.96
CA ARG A 296 1.85 6.06 -30.48
C ARG A 296 1.45 7.27 -29.63
N MET A 297 1.96 7.40 -28.42
CA MET A 297 1.47 8.43 -27.54
C MET A 297 1.95 9.80 -28.00
N ARG A 298 1.19 10.83 -27.66
CA ARG A 298 1.55 12.17 -28.07
C ARG A 298 2.79 12.65 -27.30
N ASN A 299 3.50 13.59 -27.91
CA ASN A 299 4.61 14.26 -27.26
C ASN A 299 4.20 14.84 -25.89
N GLN A 300 5.06 14.60 -24.89
CA GLN A 300 4.89 15.03 -23.49
C GLN A 300 3.71 14.34 -22.80
N ALA A 301 3.23 13.23 -23.33
CA ALA A 301 2.29 12.41 -22.59
C ALA A 301 2.93 11.97 -21.28
N ILE A 302 2.14 12.01 -20.22
CA ILE A 302 2.60 11.63 -18.89
C ILE A 302 2.17 10.19 -18.67
N LEU A 303 3.12 9.34 -18.32
CA LEU A 303 2.83 7.95 -18.07
C LEU A 303 3.28 7.61 -16.65
N CYS A 304 2.36 7.04 -15.84
CA CYS A 304 2.74 6.65 -14.50
C CYS A 304 2.03 5.39 -14.08
N ASN A 305 2.61 4.71 -13.09
CA ASN A 305 2.10 3.46 -12.56
C ASN A 305 1.73 3.64 -11.09
N ILE A 306 0.47 3.32 -10.75
CA ILE A 306 0.05 3.29 -9.36
C ILE A 306 -0.23 1.87 -8.87
N GLY A 307 -0.14 0.87 -9.74
CA GLY A 307 -0.16 -0.50 -9.30
C GLY A 307 1.14 -0.83 -8.57
N HIS A 308 1.17 -2.01 -7.94
CA HIS A 308 2.25 -2.29 -7.00
C HIS A 308 3.61 -2.41 -7.68
N PHE A 309 3.66 -3.02 -8.85
CA PHE A 309 4.93 -3.39 -9.47
C PHE A 309 5.14 -2.62 -10.77
N ASP A 310 6.41 -2.41 -11.11
CA ASP A 310 6.77 -1.72 -12.36
C ASP A 310 6.37 -2.51 -13.60
N SER A 311 6.32 -3.84 -13.51
CA SER A 311 5.84 -4.76 -14.52
C SER A 311 4.74 -4.22 -15.43
N GLU A 312 3.95 -3.25 -14.95
CA GLU A 312 2.76 -2.84 -15.70
C GLU A 312 3.10 -2.14 -17.00
N ILE A 313 4.21 -1.40 -17.02
CA ILE A 313 4.73 -0.80 -18.25
C ILE A 313 5.98 -1.57 -18.67
N ASP A 314 6.18 -1.67 -19.98
CA ASP A 314 7.35 -2.35 -20.52
C ASP A 314 8.48 -1.33 -20.66
N ILE A 315 9.09 -1.02 -19.52
CA ILE A 315 10.20 -0.07 -19.50
C ILE A 315 11.42 -0.64 -20.22
N GLN A 316 11.56 -1.97 -20.25
CA GLN A 316 12.64 -2.59 -21.01
C GLN A 316 12.63 -2.10 -22.45
N SER A 317 11.44 -1.99 -23.04
CA SER A 317 11.33 -1.56 -24.43
C SER A 317 11.71 -0.10 -24.62
N LEU A 318 12.01 0.64 -23.55
CA LEU A 318 12.48 2.01 -23.65
C LEU A 318 13.97 2.16 -23.37
N LYS A 319 14.67 1.05 -23.11
CA LYS A 319 16.10 1.13 -22.82
C LYS A 319 16.91 1.45 -24.07
N GLN A 320 16.40 1.10 -25.25
CA GLN A 320 17.07 1.50 -26.49
C GLN A 320 17.23 3.01 -26.55
N TYR A 321 16.15 3.72 -26.26
CA TYR A 321 16.07 5.16 -26.42
C TYR A 321 16.89 5.89 -25.37
N GLN A 322 17.16 7.15 -25.66
CA GLN A 322 17.83 8.03 -24.71
C GLN A 322 16.85 8.57 -23.68
N TRP A 323 17.30 8.56 -22.41
CA TRP A 323 16.56 9.12 -21.30
C TRP A 323 17.22 10.43 -20.87
N GLU A 324 16.40 11.45 -20.65
CA GLU A 324 16.86 12.72 -20.12
C GLU A 324 16.12 12.97 -18.82
N ASN A 325 16.87 13.12 -17.73
CA ASN A 325 16.27 13.32 -16.42
C ASN A 325 15.79 14.76 -16.24
N ILE A 326 14.59 14.92 -15.70
CA ILE A 326 14.02 16.26 -15.49
C ILE A 326 14.30 16.76 -14.09
N LYS A 327 14.17 15.90 -13.11
CA LYS A 327 14.36 16.14 -11.70
C LYS A 327 14.24 14.73 -11.11
N PRO A 328 14.43 14.52 -9.81
CA PRO A 328 14.39 13.13 -9.30
C PRO A 328 13.03 12.49 -9.54
N GLN A 329 13.06 11.25 -10.03
CA GLN A 329 11.89 10.43 -10.33
C GLN A 329 11.03 11.01 -11.44
N VAL A 330 11.54 11.96 -12.21
CA VAL A 330 10.82 12.51 -13.35
C VAL A 330 11.79 12.50 -14.54
N ASP A 331 11.48 11.67 -15.53
CA ASP A 331 12.37 11.47 -16.67
C ASP A 331 11.60 11.61 -17.98
N HIS A 332 12.34 12.00 -19.01
CA HIS A 332 11.88 11.99 -20.39
C HIS A 332 12.44 10.75 -21.08
N VAL A 333 11.62 10.13 -21.91
CA VAL A 333 12.12 9.17 -22.87
C VAL A 333 11.94 9.79 -24.24
N ILE A 334 13.00 9.79 -25.03
CA ILE A 334 13.01 10.44 -26.34
C ILE A 334 12.99 9.36 -27.41
N PHE A 335 11.99 9.40 -28.24
CA PHE A 335 11.85 8.48 -29.35
C PHE A 335 12.62 9.00 -30.57
N PRO A 336 12.89 8.13 -31.55
CA PRO A 336 13.76 8.55 -32.65
C PRO A 336 13.25 9.74 -33.44
N ASP A 337 11.94 9.91 -33.53
CA ASP A 337 11.34 11.08 -34.18
C ASP A 337 11.34 12.31 -33.28
N GLY A 338 12.10 12.29 -32.18
CA GLY A 338 12.18 13.40 -31.23
C GLY A 338 10.98 13.59 -30.33
N LYS A 339 9.94 12.76 -30.45
CA LYS A 339 8.80 12.86 -29.55
C LYS A 339 9.15 12.30 -28.18
N ARG A 340 8.73 13.01 -27.13
CA ARG A 340 9.09 12.71 -25.75
C ARG A 340 7.90 12.26 -24.92
N ILE A 341 8.13 11.23 -24.08
CA ILE A 341 7.22 10.76 -23.06
C ILE A 341 7.79 11.11 -21.69
N ILE A 342 6.92 11.60 -20.80
CA ILE A 342 7.27 11.81 -19.41
C ILE A 342 6.89 10.58 -18.61
N ILE A 343 7.87 9.97 -17.95
CA ILE A 343 7.68 8.77 -17.14
C ILE A 343 8.01 9.16 -15.70
N LEU A 344 7.09 8.86 -14.79
CA LEU A 344 7.26 9.15 -13.37
C LEU A 344 7.87 7.96 -12.67
N ALA A 345 8.91 8.20 -11.86
CA ALA A 345 9.51 7.19 -10.97
C ALA A 345 9.89 5.93 -11.72
N GLU A 346 10.30 6.08 -13.00
CA GLU A 346 10.72 4.94 -13.82
C GLU A 346 9.66 3.83 -13.83
N GLY A 347 8.40 4.21 -13.61
CA GLY A 347 7.31 3.27 -13.65
C GLY A 347 6.99 2.55 -12.35
N ARG A 348 7.58 2.97 -11.23
CA ARG A 348 7.19 2.45 -9.92
C ARG A 348 6.13 3.36 -9.29
N LEU A 349 5.56 2.90 -8.17
CA LEU A 349 4.43 3.53 -7.51
C LEU A 349 4.52 5.05 -7.53
N VAL A 350 3.67 5.70 -8.33
CA VAL A 350 3.79 7.13 -8.56
C VAL A 350 3.39 7.91 -7.32
N ASN A 351 2.36 7.42 -6.61
CA ASN A 351 1.86 8.18 -5.47
C ASN A 351 2.89 8.20 -4.33
N LEU A 352 3.54 7.06 -4.05
CA LEU A 352 4.60 7.01 -3.05
C LEU A 352 5.94 7.42 -3.62
N GLY A 353 6.16 7.24 -4.93
CA GLY A 353 7.44 7.55 -5.54
C GLY A 353 7.66 9.02 -5.81
N CYS A 354 6.59 9.70 -6.26
CA CYS A 354 6.65 11.12 -6.56
C CYS A 354 5.91 11.97 -5.52
N ALA A 355 5.29 11.36 -4.52
CA ALA A 355 4.71 12.10 -3.40
C ALA A 355 4.95 11.36 -2.08
N THR A 356 3.96 11.33 -1.19
CA THR A 356 4.15 10.75 0.13
C THR A 356 3.15 9.63 0.42
N GLY A 357 2.61 8.99 -0.62
CA GLY A 357 1.64 7.95 -0.39
C GLY A 357 0.33 8.50 0.18
N HIS A 358 -0.43 7.58 0.76
CA HIS A 358 -1.73 7.95 1.29
C HIS A 358 -1.54 8.77 2.57
N PRO A 359 -2.48 9.65 2.87
CA PRO A 359 -2.37 10.42 4.11
C PRO A 359 -2.51 9.52 5.31
N SER A 360 -2.10 10.05 6.45
CA SER A 360 -1.99 9.23 7.65
C SER A 360 -3.34 8.70 8.11
N PHE A 361 -4.42 9.46 7.92
CA PHE A 361 -5.71 9.05 8.48
C PHE A 361 -6.18 7.74 7.89
N VAL A 362 -6.13 7.61 6.55
CA VAL A 362 -6.59 6.35 5.97
C VAL A 362 -5.58 5.23 6.24
N MET A 363 -4.28 5.56 6.32
CA MET A 363 -3.31 4.55 6.74
C MET A 363 -3.60 4.04 8.14
N SER A 364 -4.25 4.85 8.98
CA SER A 364 -4.56 4.43 10.34
C SER A 364 -5.55 3.29 10.34
N ALA A 365 -6.55 3.35 9.47
CA ALA A 365 -7.47 2.22 9.34
C ALA A 365 -6.75 0.97 8.85
N SER A 366 -5.90 1.11 7.82
CA SER A 366 -5.13 -0.04 7.35
C SER A 366 -4.28 -0.60 8.47
N PHE A 367 -3.55 0.29 9.16
CA PHE A 367 -2.56 -0.14 10.13
C PHE A 367 -3.18 -0.65 11.43
N THR A 368 -4.35 -0.13 11.80
CA THR A 368 -5.10 -0.73 12.91
C THR A 368 -5.46 -2.17 12.57
N ASN A 369 -5.85 -2.41 11.33
CA ASN A 369 -6.05 -3.79 10.87
C ASN A 369 -4.76 -4.60 10.95
N GLN A 370 -3.61 -3.98 10.64
CA GLN A 370 -2.33 -4.68 10.73
C GLN A 370 -1.99 -5.05 12.17
N VAL A 371 -2.09 -4.08 13.09
CA VAL A 371 -1.79 -4.36 14.49
C VAL A 371 -2.69 -5.46 15.01
N LEU A 372 -4.00 -5.32 14.80
CA LEU A 372 -4.95 -6.35 15.21
C LEU A 372 -4.51 -7.73 14.70
N ALA A 373 -4.15 -7.81 13.42
CA ALA A 373 -3.72 -9.08 12.85
C ALA A 373 -2.41 -9.55 13.46
N GLN A 374 -1.57 -8.64 13.93
CA GLN A 374 -0.35 -9.09 14.59
C GLN A 374 -0.65 -9.59 16.00
N ILE A 375 -1.50 -8.87 16.75
CA ILE A 375 -1.93 -9.37 18.06
C ILE A 375 -2.58 -10.73 17.91
N GLU A 376 -3.30 -10.93 16.81
CA GLU A 376 -4.05 -12.16 16.59
C GLU A 376 -3.14 -13.29 16.11
N LEU A 377 -2.28 -13.02 15.11
CA LEU A 377 -1.31 -14.01 14.67
C LEU A 377 -0.35 -14.37 15.79
N PHE A 378 -0.04 -13.41 16.67
CA PHE A 378 0.93 -13.69 17.72
C PHE A 378 0.33 -14.50 18.86
N GLN A 379 -0.98 -14.40 19.08
CA GLN A 379 -1.60 -15.05 20.24
C GLN A 379 -2.38 -16.32 19.90
N ASN A 380 -2.80 -16.51 18.64
CA ASN A 380 -3.65 -17.64 18.27
C ASN A 380 -3.23 -18.25 16.93
N SER A 381 -1.93 -18.29 16.64
CA SER A 381 -1.48 -18.83 15.35
C SER A 381 -1.71 -20.33 15.25
N SER A 382 -1.74 -21.01 16.40
CA SER A 382 -2.00 -22.45 16.41
C SER A 382 -3.29 -22.78 15.68
N GLN A 383 -4.30 -21.91 15.81
CA GLN A 383 -5.63 -22.17 15.29
C GLN A 383 -5.71 -22.08 13.77
N TYR A 384 -4.63 -21.65 13.10
CA TYR A 384 -4.63 -21.37 11.67
C TYR A 384 -3.71 -22.34 10.91
N GLN A 385 -4.12 -22.66 9.70
CA GLN A 385 -3.36 -23.53 8.84
C GLN A 385 -2.54 -22.72 7.87
N ASN A 386 -1.99 -23.40 6.86
CA ASN A 386 -1.20 -22.73 5.84
C ASN A 386 -2.07 -22.28 4.66
N GLN A 387 -3.09 -21.50 4.98
CA GLN A 387 -3.95 -20.85 4.01
C GLN A 387 -4.05 -19.36 4.33
N VAL A 388 -4.85 -18.66 3.54
CA VAL A 388 -5.07 -17.24 3.74
C VAL A 388 -6.41 -17.05 4.41
N TYR A 389 -6.49 -16.07 5.32
CA TYR A 389 -7.67 -15.79 6.11
C TYR A 389 -7.85 -14.27 6.19
N VAL A 390 -9.06 -13.85 6.57
CA VAL A 390 -9.30 -12.44 6.85
C VAL A 390 -9.76 -12.32 8.29
N LEU A 391 -9.64 -11.10 8.81
CA LEU A 391 -10.06 -10.80 10.17
C LEU A 391 -11.59 -10.86 10.30
N PRO A 392 -12.10 -11.19 11.50
CA PRO A 392 -13.55 -11.17 11.73
C PRO A 392 -14.20 -9.81 11.51
N LYS A 393 -15.48 -9.83 11.12
CA LYS A 393 -16.20 -8.60 10.85
C LYS A 393 -16.25 -7.69 12.07
N VAL A 394 -16.32 -8.27 13.27
CA VAL A 394 -16.47 -7.45 14.46
C VAL A 394 -15.21 -6.64 14.72
N LEU A 395 -14.05 -7.12 14.25
CA LEU A 395 -12.82 -6.33 14.31
C LEU A 395 -12.80 -5.25 13.24
N ASP A 396 -13.24 -5.62 12.04
CA ASP A 396 -13.42 -4.64 10.98
C ASP A 396 -14.29 -3.48 11.45
N GLU A 397 -15.40 -3.79 12.12
CA GLU A 397 -16.27 -2.74 12.64
C GLU A 397 -15.57 -1.93 13.73
N LYS A 398 -14.85 -2.59 14.64
CA LYS A 398 -14.08 -1.88 15.65
C LYS A 398 -13.09 -0.91 15.01
N VAL A 399 -12.41 -1.33 13.94
CA VAL A 399 -11.48 -0.41 13.28
C VAL A 399 -12.21 0.85 12.83
N ALA A 400 -13.33 0.68 12.13
CA ALA A 400 -14.07 1.85 11.66
C ALA A 400 -14.53 2.69 12.84
N ARG A 401 -15.01 2.03 13.90
CA ARG A 401 -15.50 2.71 15.08
C ARG A 401 -14.42 3.60 15.69
N LEU A 402 -13.17 3.16 15.67
CA LEU A 402 -12.11 3.97 16.25
C LEU A 402 -11.82 5.23 15.45
N HIS A 403 -12.30 5.32 14.20
CA HIS A 403 -12.02 6.47 13.37
C HIS A 403 -13.19 7.42 13.23
N LEU A 404 -14.36 7.06 13.76
CA LEU A 404 -15.51 7.93 13.59
C LEU A 404 -15.33 9.24 14.34
N GLY A 405 -14.67 9.19 15.51
CA GLY A 405 -14.57 10.37 16.33
C GLY A 405 -13.77 11.48 15.67
N ARG A 406 -12.65 11.12 15.05
CA ARG A 406 -11.77 12.13 14.45
C ARG A 406 -12.52 13.01 13.46
N ILE A 407 -13.40 12.41 12.65
CA ILE A 407 -14.10 13.16 11.61
C ILE A 407 -15.54 13.46 11.99
N GLY A 408 -15.89 13.33 13.28
CA GLY A 408 -17.17 13.80 13.80
C GLY A 408 -18.41 13.12 13.26
N ALA A 409 -18.33 11.80 13.01
CA ALA A 409 -19.49 11.02 12.60
C ALA A 409 -20.12 10.38 13.82
N LYS A 410 -21.41 10.63 14.04
CA LYS A 410 -22.13 10.13 15.19
C LYS A 410 -22.98 8.94 14.78
N LEU A 411 -22.78 7.82 15.48
CA LEU A 411 -23.46 6.56 15.21
C LEU A 411 -24.82 6.53 15.88
N THR A 412 -25.84 6.10 15.14
CA THR A 412 -27.16 5.82 15.72
C THR A 412 -27.13 4.46 16.45
N GLN A 413 -27.89 4.37 17.53
CA GLN A 413 -27.94 3.15 18.33
C GLN A 413 -29.22 2.38 18.05
N LEU A 414 -29.09 1.10 17.72
CA LEU A 414 -30.27 0.26 17.54
C LEU A 414 -30.99 0.04 18.87
N SER A 415 -32.31 0.11 18.83
CA SER A 415 -33.11 -0.37 19.96
C SER A 415 -33.18 -1.89 19.90
N ASN A 416 -33.56 -2.49 21.03
CA ASN A 416 -33.70 -3.94 21.08
C ASN A 416 -34.54 -4.45 19.91
N GLU A 417 -35.65 -3.77 19.63
CA GLU A 417 -36.58 -4.29 18.64
C GLU A 417 -36.06 -4.07 17.23
N GLN A 418 -35.36 -2.95 16.99
CA GLN A 418 -34.73 -2.72 15.70
C GLN A 418 -33.66 -3.77 15.43
N ALA A 419 -32.89 -4.11 16.47
CA ALA A 419 -31.90 -5.17 16.34
C ALA A 419 -32.56 -6.49 15.98
N ASP A 420 -33.62 -6.86 16.68
CA ASP A 420 -34.36 -8.07 16.31
C ASP A 420 -34.96 -7.95 14.91
N TYR A 421 -35.44 -6.75 14.55
CA TYR A 421 -36.16 -6.60 13.28
C TYR A 421 -35.28 -6.98 12.10
N ILE A 422 -33.98 -6.68 12.16
CA ILE A 422 -33.06 -6.96 11.08
C ILE A 422 -32.10 -8.09 11.40
N GLY A 423 -32.24 -8.71 12.56
CA GLY A 423 -31.56 -9.96 12.86
C GLY A 423 -30.13 -9.83 13.32
N VAL A 424 -29.78 -8.76 14.02
CA VAL A 424 -28.41 -8.50 14.44
C VAL A 424 -28.37 -8.26 15.94
N ASP A 425 -27.19 -8.42 16.51
CA ASP A 425 -26.95 -7.95 17.87
C ASP A 425 -26.71 -6.45 17.88
N LYS A 426 -27.18 -5.78 18.95
CA LYS A 426 -27.05 -4.33 19.04
C LYS A 426 -25.62 -3.87 18.79
N ASN A 427 -24.64 -4.67 19.22
CA ASN A 427 -23.24 -4.31 19.15
C ASN A 427 -22.56 -4.84 17.91
N GLY A 428 -23.34 -5.29 16.93
CA GLY A 428 -22.78 -5.89 15.74
C GLY A 428 -22.41 -7.35 15.98
N PRO A 429 -21.94 -8.03 14.92
CA PRO A 429 -21.72 -7.56 13.55
C PRO A 429 -23.03 -7.18 12.87
N TYR A 430 -23.01 -6.23 11.94
CA TYR A 430 -24.24 -5.68 11.38
C TYR A 430 -24.58 -6.20 10.00
N LYS A 431 -23.68 -6.93 9.35
CA LYS A 431 -23.87 -7.41 7.99
C LYS A 431 -23.51 -8.89 7.87
N PRO A 432 -24.11 -9.60 6.91
CA PRO A 432 -23.69 -10.97 6.66
C PRO A 432 -22.26 -10.98 6.14
N ASP A 433 -21.65 -12.15 6.18
CA ASP A 433 -20.20 -12.21 5.95
C ASP A 433 -19.85 -11.68 4.57
N HIS A 434 -20.68 -11.94 3.57
CA HIS A 434 -20.33 -11.59 2.20
C HIS A 434 -20.98 -10.28 1.77
N TYR A 435 -21.34 -9.42 2.72
CA TYR A 435 -21.79 -8.10 2.37
C TYR A 435 -20.65 -7.32 1.70
N ARG A 436 -20.98 -6.62 0.62
CA ARG A 436 -19.93 -6.03 -0.23
C ARG A 436 -19.67 -4.57 0.09
N TYR A 437 -20.54 -3.95 0.88
CA TYR A 437 -20.46 -2.53 1.21
C TYR A 437 -20.37 -1.68 -0.05
PA NAD B . -8.11 -4.85 -7.95
O1A NAD B . -7.97 -6.30 -8.25
O2A NAD B . -9.31 -4.39 -7.19
O5B NAD B . -8.08 -4.03 -9.31
C5B NAD B . -7.32 -4.41 -10.44
C4B NAD B . -8.22 -4.18 -11.63
O4B NAD B . -7.45 -4.09 -12.82
C3B NAD B . -9.17 -5.34 -11.81
O3B NAD B . -10.48 -4.83 -11.91
C2B NAD B . -8.75 -5.99 -13.10
O2B NAD B . -9.85 -6.51 -13.83
C1B NAD B . -8.11 -4.84 -13.83
N9A NAD B . -7.18 -5.36 -14.83
C8A NAD B . -6.33 -6.37 -14.67
N7A NAD B . -5.61 -6.57 -15.79
C5A NAD B . -6.01 -5.68 -16.68
C6A NAD B . -5.68 -5.35 -18.06
N6A NAD B . -4.73 -6.04 -18.72
N1A NAD B . -6.34 -4.34 -18.64
C2A NAD B . -7.29 -3.64 -17.98
N3A NAD B . -7.65 -3.88 -16.72
C4A NAD B . -7.05 -4.88 -16.04
O3 NAD B . -6.77 -4.41 -7.21
PN NAD B . -6.53 -2.96 -6.62
O1N NAD B . -6.73 -3.06 -5.15
O2N NAD B . -7.28 -1.95 -7.40
O5D NAD B . -4.98 -2.70 -6.80
C5D NAD B . -4.36 -2.81 -8.09
C4D NAD B . -2.87 -2.75 -7.88
O4D NAD B . -2.54 -1.58 -7.13
C3D NAD B . -2.38 -3.92 -7.06
O3D NAD B . -1.15 -4.37 -7.61
C2D NAD B . -2.18 -3.37 -5.68
O2D NAD B . -1.15 -4.09 -5.00
C1D NAD B . -1.80 -1.94 -5.98
N1N NAD B . -2.18 -1.04 -4.91
C2N NAD B . -1.61 0.16 -4.88
C3N NAD B . -1.92 1.08 -3.90
C7N NAD B . -1.23 2.39 -3.91
O7N NAD B . -1.14 3.03 -2.88
N7N NAD B . -0.72 2.83 -5.05
C4N NAD B . -2.86 0.76 -2.94
C5N NAD B . -3.45 -0.49 -3.00
C6N NAD B . -3.09 -1.38 -4.00
S SO4 C . 0.83 -0.79 -2.45
O1 SO4 C . -0.49 -1.25 -2.01
O2 SO4 C . 1.87 -1.48 -1.69
O3 SO4 C . 0.97 -1.09 -3.87
O4 SO4 C . 0.93 0.64 -2.21
#